data_7UE1
#
_entry.id   7UE1
#
_cell.length_a   111.368
_cell.length_b   111.368
_cell.length_c   137.288
_cell.angle_alpha   90.000
_cell.angle_beta   90.000
_cell.angle_gamma   90.000
#
_symmetry.space_group_name_H-M   'I 4 2 2'
#
loop_
_entity.id
_entity.type
_entity.pdbx_description
1 polymer Integrase
2 non-polymer '(3S,3aR,5R,7aS,8S)-hexahydro-4H-3,5-methanofuro[2,3-b]pyran-8-yl [(2S,3R)-4-[{[2-(cyclopropylamino)-1,3-benzothiazol-6-yl]sulfonyl}(2-methylpropyl)amino]-1-(3,5-difluorophenyl)-3-hydroxybutan-2-yl]carbamate'
3 non-polymer 'SULFATE ION'
#
_entity_poly.entity_id   1
_entity_poly.type   'polypeptide(L)'
_entity_poly.pdbx_seq_one_letter_code
;GSHMHGQVDCSPGIWQLDCTHLEGKVIIVAVHVASGYIEAEVIPAETGQETAYFLLKLAGRWPVKTVHTDNGSNVTSTAV
KAACWWAGIKQEFSIPYNPQSRGVVESMNKELKKIIGQVRDQAEHLKTAVQMAVFIHNHKRKGGIGGYSAGERIVDIIAT
DLQTKE
;
_entity_poly.pdbx_strand_id   A,B
#
loop_
_chem_comp.id
_chem_comp.type
_chem_comp.name
_chem_comp.formula
7OA non-polymer '(3S,3aR,5R,7aS,8S)-hexahydro-4H-3,5-methanofuro[2,3-b]pyran-8-yl [(2S,3R)-4-[{[2-(cyclopropylamino)-1,3-benzothiazol-6-yl]sulfonyl}(2-methylpropyl)amino]-1-(3,5-difluorophenyl)-3-hydroxybutan-2-yl]carbamate' 'C33 H40 F2 N4 O7 S2'
SO4 non-polymer 'SULFATE ION' 'O4 S -2'
#
# COMPACT_ATOMS: atom_id res chain seq x y z
N SER A 11 -1.55 10.96 -17.76
CA SER A 11 -1.75 11.89 -16.62
C SER A 11 -1.33 11.32 -15.24
N PRO A 12 -1.02 12.22 -14.29
CA PRO A 12 -0.41 11.78 -13.01
C PRO A 12 -1.39 11.13 -12.06
N GLY A 13 -2.69 11.28 -12.29
CA GLY A 13 -3.71 10.80 -11.39
C GLY A 13 -4.69 9.83 -11.99
N ILE A 14 -4.42 9.29 -13.16
CA ILE A 14 -5.37 8.45 -13.88
C ILE A 14 -5.03 6.98 -13.62
N TRP A 15 -6.05 6.21 -13.26
CA TRP A 15 -5.95 4.81 -12.88
C TRP A 15 -7.09 4.05 -13.54
N GLN A 16 -7.02 2.71 -13.51
CA GLN A 16 -8.06 1.89 -14.12
C GLN A 16 -8.38 0.64 -13.32
N LEU A 17 -9.58 0.56 -12.76
CA LEU A 17 -9.92 -0.53 -11.86
C LEU A 17 -10.71 -1.62 -12.56
N ASP A 18 -10.21 -2.84 -12.46
CA ASP A 18 -10.95 -4.00 -12.88
C ASP A 18 -10.61 -5.13 -11.90
N CYS A 19 -11.32 -6.24 -12.01
CA CYS A 19 -11.15 -7.36 -11.10
C CYS A 19 -11.07 -8.64 -11.92
N THR A 20 -10.16 -9.54 -11.53
CA THR A 20 -9.95 -10.81 -12.20
C THR A 20 -10.04 -11.97 -11.20
N HIS A 21 -10.34 -13.17 -11.72
CA HIS A 21 -10.54 -14.37 -10.92
C HIS A 21 -9.51 -15.44 -11.29
N LEU A 22 -9.00 -16.10 -10.28
CA LEU A 22 -7.96 -17.10 -10.46
C LEU A 22 -8.02 -18.07 -9.31
N GLU A 23 -7.94 -19.35 -9.63
CA GLU A 23 -8.07 -20.36 -8.59
C GLU A 23 -9.39 -20.22 -7.85
N GLY A 24 -10.39 -19.65 -8.51
CA GLY A 24 -11.64 -19.37 -7.81
C GLY A 24 -11.53 -18.37 -6.69
N LYS A 25 -10.65 -17.38 -6.81
CA LYS A 25 -10.55 -16.29 -5.85
C LYS A 25 -10.51 -14.98 -6.62
N VAL A 26 -10.94 -13.92 -6.00
CA VAL A 26 -11.03 -12.64 -6.70
C VAL A 26 -9.74 -11.89 -6.50
N ILE A 27 -9.31 -11.14 -7.51
CA ILE A 27 -8.10 -10.36 -7.38
C ILE A 27 -8.39 -8.99 -7.97
N ILE A 28 -8.60 -8.00 -7.10
CA ILE A 28 -8.75 -6.63 -7.55
C ILE A 28 -7.42 -6.11 -8.07
N VAL A 29 -7.48 -5.24 -9.09
CA VAL A 29 -6.33 -4.72 -9.83
C VAL A 29 -6.50 -3.26 -10.26
N ALA A 30 -5.48 -2.42 -9.97
CA ALA A 30 -5.52 -0.99 -10.27
C ALA A 30 -4.25 -0.55 -10.98
N VAL A 31 -4.38 0.00 -12.17
CA VAL A 31 -3.25 0.22 -13.04
C VAL A 31 -3.10 1.71 -13.28
N HIS A 32 -1.99 2.30 -12.84
CA HIS A 32 -1.70 3.67 -13.19
C HIS A 32 -1.39 3.64 -14.69
N VAL A 33 -2.11 4.41 -15.51
CA VAL A 33 -2.11 4.19 -16.97
C VAL A 33 -0.82 4.66 -17.63
N ALA A 34 -0.33 5.82 -17.24
CA ALA A 34 0.90 6.34 -17.81
C ALA A 34 2.08 5.42 -17.55
N SER A 35 2.23 4.96 -16.32
CA SER A 35 3.42 4.26 -15.87
C SER A 35 3.32 2.73 -15.91
N GLY A 36 2.11 2.16 -15.93
CA GLY A 36 2.00 0.70 -15.83
C GLY A 36 2.17 0.11 -14.44
N TYR A 37 2.34 0.95 -13.41
CA TYR A 37 2.37 0.53 -12.01
C TYR A 37 1.08 -0.18 -11.58
N ILE A 38 1.23 -1.24 -10.80
CA ILE A 38 0.08 -2.09 -10.48
C ILE A 38 -0.18 -2.17 -8.98
N GLU A 39 -1.45 -2.39 -8.66
CA GLU A 39 -1.85 -2.63 -7.30
C GLU A 39 -2.89 -3.75 -7.35
N ALA A 40 -2.64 -4.86 -6.66
CA ALA A 40 -3.53 -6.00 -6.72
C ALA A 40 -3.60 -6.60 -5.33
N GLU A 41 -4.66 -7.37 -5.09
CA GLU A 41 -4.89 -7.97 -3.79
C GLU A 41 -5.95 -9.02 -4.09
N VAL A 42 -5.85 -10.16 -3.39
CA VAL A 42 -6.96 -11.10 -3.34
C VAL A 42 -8.04 -10.49 -2.45
N ILE A 43 -9.27 -10.46 -2.94
CA ILE A 43 -10.37 -9.88 -2.18
C ILE A 43 -11.42 -11.02 -2.01
N PRO A 44 -12.26 -10.84 -1.00
CA PRO A 44 -13.27 -11.89 -0.72
C PRO A 44 -14.28 -12.13 -1.83
N ALA A 45 -14.84 -11.05 -2.39
CA ALA A 45 -15.83 -11.10 -3.47
C ALA A 45 -16.03 -9.70 -4.06
N GLU A 46 -16.57 -9.68 -5.29
CA GLU A 46 -16.82 -8.44 -6.06
C GLU A 46 -18.08 -7.75 -5.56
N THR A 47 -17.98 -7.11 -4.41
CA THR A 47 -19.16 -6.55 -3.77
C THR A 47 -19.43 -5.10 -4.12
N GLY A 48 -18.41 -4.32 -4.46
CA GLY A 48 -18.60 -2.88 -4.67
C GLY A 48 -18.38 -2.12 -3.38
N GLN A 49 -18.75 -2.72 -2.27
CA GLN A 49 -18.32 -2.25 -0.95
C GLN A 49 -16.81 -2.50 -0.76
N GLU A 50 -16.34 -3.67 -1.23
CA GLU A 50 -14.90 -3.96 -1.24
C GLU A 50 -14.17 -3.08 -2.24
N THR A 51 -14.75 -2.90 -3.42
CA THR A 51 -14.14 -2.03 -4.42
C THR A 51 -13.97 -0.63 -3.82
N ALA A 52 -14.93 -0.20 -3.02
CA ALA A 52 -14.85 1.12 -2.42
C ALA A 52 -13.74 1.21 -1.41
N TYR A 53 -13.59 0.18 -0.56
CA TYR A 53 -12.50 0.10 0.42
C TYR A 53 -11.16 0.11 -0.29
N PHE A 54 -10.99 -0.76 -1.31
CA PHE A 54 -9.72 -0.85 -2.09
C PHE A 54 -9.31 0.51 -2.65
N LEU A 55 -10.28 1.26 -3.16
CA LEU A 55 -10.01 2.56 -3.76
C LEU A 55 -9.65 3.59 -2.68
N LEU A 56 -10.23 3.45 -1.48
CA LEU A 56 -10.06 4.44 -0.41
C LEU A 56 -8.61 4.53 0.10
N LYS A 57 -7.99 3.38 0.37
CA LYS A 57 -6.60 3.41 0.82
C LYS A 57 -5.69 3.82 -0.35
N LEU A 58 -6.00 3.30 -1.56
CA LEU A 58 -5.28 3.69 -2.77
C LEU A 58 -5.23 5.21 -2.92
N ALA A 59 -6.33 5.89 -2.61
CA ALA A 59 -6.31 7.35 -2.65
C ALA A 59 -5.51 7.93 -1.49
N GLY A 60 -5.40 7.16 -0.39
CA GLY A 60 -4.66 7.59 0.77
C GLY A 60 -3.16 7.63 0.56
N ARG A 61 -2.63 6.89 -0.40
CA ARG A 61 -1.17 6.78 -0.65
C ARG A 61 -0.71 7.44 -1.95
N TRP A 62 -1.50 7.34 -3.01
CA TRP A 62 -1.23 7.91 -4.31
C TRP A 62 -2.22 9.03 -4.64
N PRO A 63 -1.84 9.93 -5.58
CA PRO A 63 -2.75 10.99 -6.01
C PRO A 63 -3.71 10.44 -7.07
N VAL A 64 -4.88 10.02 -6.61
CA VAL A 64 -5.90 9.47 -7.49
C VAL A 64 -6.90 10.55 -7.84
N LYS A 65 -6.94 10.91 -9.11
CA LYS A 65 -7.81 11.99 -9.57
C LYS A 65 -9.00 11.47 -10.36
N THR A 66 -8.78 10.45 -11.19
CA THR A 66 -9.85 9.84 -11.95
C THR A 66 -9.65 8.33 -11.97
N VAL A 67 -10.75 7.58 -12.06
CA VAL A 67 -10.67 6.13 -12.10
C VAL A 67 -11.62 5.59 -13.16
N HIS A 68 -11.05 5.03 -14.23
CA HIS A 68 -11.79 4.50 -15.37
C HIS A 68 -12.16 3.05 -15.16
N THR A 69 -13.42 2.79 -14.91
CA THR A 69 -13.88 1.44 -14.69
C THR A 69 -14.78 0.98 -15.83
N ASP A 70 -15.41 -0.19 -15.63
CA ASP A 70 -16.36 -0.79 -16.57
C ASP A 70 -17.76 -0.65 -15.97
N ASN A 71 -18.74 -1.32 -16.57
CA ASN A 71 -20.14 -1.21 -16.11
C ASN A 71 -20.57 -2.25 -15.06
N GLY A 72 -19.64 -2.97 -14.41
CA GLY A 72 -20.07 -3.99 -13.48
C GLY A 72 -20.83 -3.43 -12.29
N SER A 73 -21.49 -4.32 -11.58
CA SER A 73 -22.34 -3.87 -10.47
C SER A 73 -21.52 -3.36 -9.30
N ASN A 74 -20.32 -3.94 -9.08
CA ASN A 74 -19.45 -3.56 -7.97
C ASN A 74 -18.88 -2.15 -8.14
N VAL A 75 -18.42 -1.82 -9.35
CA VAL A 75 -17.82 -0.50 -9.59
C VAL A 75 -18.87 0.61 -9.65
N THR A 76 -20.13 0.27 -9.91
CA THR A 76 -21.23 1.23 -9.96
C THR A 76 -22.01 1.35 -8.65
N SER A 77 -21.67 0.55 -7.65
CA SER A 77 -22.39 0.63 -6.39
C SER A 77 -22.43 2.08 -5.92
N THR A 78 -23.47 2.40 -5.16
CA THR A 78 -23.52 3.65 -4.40
C THR A 78 -22.37 3.69 -3.39
N ALA A 79 -21.94 2.53 -2.88
CA ALA A 79 -20.81 2.50 -1.98
C ALA A 79 -19.61 3.16 -2.63
N VAL A 80 -19.36 2.79 -3.89
CA VAL A 80 -18.24 3.32 -4.65
C VAL A 80 -18.43 4.82 -4.91
N LYS A 81 -19.67 5.25 -5.18
CA LYS A 81 -19.88 6.67 -5.46
C LYS A 81 -19.59 7.50 -4.22
N ALA A 82 -20.05 7.04 -3.05
CA ALA A 82 -19.76 7.73 -1.81
C ALA A 82 -18.28 7.77 -1.58
N ALA A 83 -17.62 6.68 -1.92
CA ALA A 83 -16.17 6.61 -1.81
C ALA A 83 -15.50 7.67 -2.66
N CYS A 84 -15.81 7.71 -3.97
CA CYS A 84 -15.08 8.67 -4.79
C CYS A 84 -15.41 10.08 -4.35
N TRP A 85 -16.60 10.27 -3.74
CA TRP A 85 -17.08 11.61 -3.35
C TRP A 85 -16.29 12.09 -2.12
N TRP A 86 -16.10 11.20 -1.14
CA TRP A 86 -15.32 11.58 0.05
C TRP A 86 -13.85 11.80 -0.31
N ALA A 87 -13.36 11.12 -1.35
CA ALA A 87 -11.95 11.24 -1.68
C ALA A 87 -11.65 12.28 -2.74
N GLY A 88 -12.60 12.56 -3.64
CA GLY A 88 -12.37 13.42 -4.79
C GLY A 88 -12.05 12.69 -6.08
N ILE A 89 -12.45 11.47 -6.20
CA ILE A 89 -12.16 10.69 -7.39
C ILE A 89 -13.28 10.91 -8.37
N LYS A 90 -12.91 10.99 -9.66
CA LYS A 90 -13.86 11.15 -10.77
C LYS A 90 -13.91 9.83 -11.54
N GLN A 91 -15.04 9.15 -11.48
CA GLN A 91 -15.23 7.87 -12.14
C GLN A 91 -15.51 7.98 -13.62
N GLU A 92 -15.16 6.89 -14.35
CA GLU A 92 -15.42 6.72 -15.80
C GLU A 92 -15.65 5.29 -16.33
N VAL A 105 -7.60 -3.25 -20.40
CA VAL A 105 -6.97 -3.56 -19.13
C VAL A 105 -6.66 -5.01 -18.99
N GLU A 106 -7.34 -5.85 -19.76
CA GLU A 106 -7.14 -7.30 -19.64
C GLU A 106 -5.68 -7.65 -19.82
N SER A 107 -4.99 -6.97 -20.72
CA SER A 107 -3.57 -7.30 -20.98
C SER A 107 -2.77 -7.27 -19.70
N MET A 108 -2.87 -6.17 -18.95
CA MET A 108 -2.15 -6.07 -17.70
C MET A 108 -2.63 -7.20 -16.78
N ASN A 109 -3.91 -7.54 -16.87
CA ASN A 109 -4.46 -8.62 -16.06
C ASN A 109 -3.79 -9.96 -16.36
N LYS A 110 -3.50 -10.25 -17.64
CA LYS A 110 -2.86 -11.52 -17.99
C LYS A 110 -1.34 -11.52 -17.72
N GLU A 111 -0.67 -10.37 -17.83
CA GLU A 111 0.74 -10.29 -17.46
C GLU A 111 0.94 -10.74 -16.01
N LEU A 112 0.07 -10.29 -15.10
CA LEU A 112 0.10 -10.74 -13.71
C LEU A 112 -0.23 -12.21 -13.58
N LYS A 113 -1.24 -12.71 -14.31
CA LYS A 113 -1.57 -14.14 -14.25
C LYS A 113 -0.33 -14.96 -14.59
N LYS A 114 0.46 -14.46 -15.55
CA LYS A 114 1.69 -15.11 -15.95
C LYS A 114 2.71 -15.08 -14.82
N ILE A 115 3.00 -13.89 -14.28
CA ILE A 115 4.04 -13.83 -13.24
C ILE A 115 3.62 -14.67 -12.03
N ILE A 116 2.32 -14.66 -11.71
CA ILE A 116 1.76 -15.38 -10.58
C ILE A 116 1.90 -16.87 -10.81
N GLY A 117 1.80 -17.30 -12.05
CA GLY A 117 2.00 -18.72 -12.39
C GLY A 117 3.44 -19.10 -12.18
N GLN A 118 4.35 -18.14 -12.32
CA GLN A 118 5.81 -18.38 -12.15
C GLN A 118 6.15 -18.47 -10.68
N VAL A 119 5.35 -17.89 -9.79
CA VAL A 119 5.67 -17.82 -8.33
C VAL A 119 4.69 -18.64 -7.50
N ARG A 120 3.51 -18.98 -8.02
CA ARG A 120 2.47 -19.68 -7.22
C ARG A 120 3.05 -20.94 -6.61
N ASP A 121 3.88 -21.67 -7.34
CA ASP A 121 4.48 -22.94 -6.87
C ASP A 121 5.46 -22.65 -5.74
N GLN A 122 5.92 -21.40 -5.62
CA GLN A 122 6.93 -21.01 -4.61
C GLN A 122 6.23 -20.40 -3.38
N ALA A 123 4.93 -20.09 -3.47
CA ALA A 123 4.17 -19.48 -2.38
C ALA A 123 3.18 -20.48 -1.80
N GLU A 124 2.80 -20.31 -0.55
CA GLU A 124 1.86 -21.23 0.13
C GLU A 124 0.43 -20.81 -0.21
N HIS A 125 0.20 -19.51 -0.46
CA HIS A 125 -1.16 -18.98 -0.71
C HIS A 125 -1.18 -17.99 -1.87
N LEU A 126 -2.19 -18.09 -2.75
CA LEU A 126 -2.35 -17.15 -3.88
C LEU A 126 -2.10 -15.74 -3.37
N LYS A 127 -2.71 -15.39 -2.24
CA LYS A 127 -2.54 -14.05 -1.62
C LYS A 127 -1.09 -13.62 -1.75
N THR A 128 -0.17 -14.28 -1.05
CA THR A 128 1.26 -13.90 -1.04
C THR A 128 1.79 -13.93 -2.47
N ALA A 129 1.35 -14.89 -3.28
CA ALA A 129 1.82 -15.04 -4.68
C ALA A 129 1.49 -13.79 -5.48
N VAL A 130 0.43 -13.06 -5.14
CA VAL A 130 -0.01 -11.86 -5.90
C VAL A 130 0.75 -10.66 -5.38
N GLN A 131 1.13 -10.64 -4.11
CA GLN A 131 1.93 -9.54 -3.54
C GLN A 131 3.37 -9.76 -3.97
N MET A 132 3.71 -11.00 -4.32
CA MET A 132 5.08 -11.33 -4.81
C MET A 132 5.15 -10.94 -6.29
N ALA A 133 4.19 -11.37 -7.11
CA ALA A 133 4.13 -11.03 -8.54
C ALA A 133 3.98 -9.54 -8.72
N VAL A 134 3.31 -8.89 -7.79
CA VAL A 134 3.24 -7.42 -7.84
C VAL A 134 4.63 -6.84 -7.60
N PHE A 135 5.34 -7.33 -6.57
CA PHE A 135 6.67 -6.83 -6.25
C PHE A 135 7.57 -6.89 -7.47
N ILE A 136 7.55 -8.04 -8.13
CA ILE A 136 8.34 -8.24 -9.34
C ILE A 136 8.00 -7.19 -10.39
N HIS A 137 6.71 -7.06 -10.73
CA HIS A 137 6.30 -6.20 -11.82
C HIS A 137 6.75 -4.76 -11.60
N ASN A 138 6.41 -4.20 -10.45
CA ASN A 138 6.68 -2.79 -10.22
C ASN A 138 8.15 -2.51 -10.04
N HIS A 139 8.90 -3.50 -9.56
CA HIS A 139 10.29 -3.26 -9.23
C HIS A 139 11.33 -4.00 -10.08
N LYS A 140 11.20 -5.31 -10.20
CA LYS A 140 12.18 -6.18 -10.88
C LYS A 140 11.75 -6.44 -12.32
N ARG A 141 11.15 -5.42 -13.00
CA ARG A 141 10.75 -5.54 -14.42
C ARG A 141 11.20 -4.19 -14.98
N LYS A 142 12.49 -4.11 -15.36
CA LYS A 142 13.10 -2.90 -15.90
C LYS A 142 13.51 -3.06 -17.36
N GLY A 143 13.11 -4.16 -18.02
CA GLY A 143 13.54 -4.44 -19.39
C GLY A 143 12.81 -3.73 -20.52
N GLY A 144 12.80 -2.41 -20.54
CA GLY A 144 12.00 -1.64 -21.46
C GLY A 144 12.65 -0.29 -21.69
N ILE A 145 11.99 0.52 -22.53
CA ILE A 145 12.58 1.79 -22.94
C ILE A 145 12.79 2.65 -21.71
N GLY A 146 14.02 3.12 -21.54
CA GLY A 146 14.40 4.02 -20.48
C GLY A 146 15.06 3.33 -19.30
N GLY A 147 14.82 2.03 -19.12
CA GLY A 147 15.43 1.29 -18.02
C GLY A 147 14.79 1.45 -16.65
N TYR A 148 13.75 2.28 -16.53
CA TYR A 148 13.06 2.51 -15.28
C TYR A 148 12.13 1.32 -14.99
N SER A 149 11.73 1.16 -13.73
CA SER A 149 10.68 0.20 -13.42
C SER A 149 9.35 0.96 -13.34
N ALA A 150 8.24 0.21 -13.39
CA ALA A 150 6.93 0.85 -13.31
C ALA A 150 6.87 1.74 -12.09
N GLY A 151 7.34 1.24 -10.94
CA GLY A 151 7.42 2.05 -9.72
C GLY A 151 8.33 3.26 -9.82
N GLU A 152 9.36 3.20 -10.68
CA GLU A 152 10.19 4.38 -10.88
C GLU A 152 9.48 5.40 -11.76
N ARG A 153 8.65 4.90 -12.69
CA ARG A 153 7.95 5.74 -13.66
C ARG A 153 6.87 6.57 -12.99
N ILE A 154 6.03 5.92 -12.17
CA ILE A 154 4.95 6.62 -11.48
C ILE A 154 5.53 7.74 -10.61
N VAL A 155 6.64 7.47 -9.93
CA VAL A 155 7.35 8.50 -9.19
C VAL A 155 7.83 9.59 -10.13
N ASP A 156 8.38 9.19 -11.29
CA ASP A 156 8.80 10.21 -12.23
C ASP A 156 7.59 11.03 -12.64
N ILE A 157 6.52 10.37 -13.10
CA ILE A 157 5.33 11.08 -13.56
C ILE A 157 4.80 12.04 -12.49
N ILE A 158 4.44 11.50 -11.32
CA ILE A 158 3.84 12.33 -10.27
C ILE A 158 4.77 13.45 -9.85
N ALA A 159 6.05 13.13 -9.64
CA ALA A 159 7.02 14.11 -9.20
C ALA A 159 7.13 15.26 -10.19
N THR A 160 7.11 14.95 -11.49
CA THR A 160 7.20 15.99 -12.52
C THR A 160 6.02 16.97 -12.44
N ASP A 161 4.80 16.42 -12.27
CA ASP A 161 3.59 17.21 -12.23
C ASP A 161 3.77 18.38 -11.26
N LEU A 162 4.51 18.14 -10.18
CA LEU A 162 4.81 19.12 -9.14
C LEU A 162 5.87 20.17 -9.59
N SER B 11 17.58 9.11 4.46
CA SER B 11 17.60 8.22 3.30
C SER B 11 16.22 7.86 2.79
N PRO B 12 16.13 7.56 1.48
CA PRO B 12 14.82 7.29 0.86
C PRO B 12 14.25 5.90 1.10
N GLY B 13 14.98 4.99 1.71
CA GLY B 13 14.48 3.63 1.82
C GLY B 13 14.29 3.14 3.24
N ILE B 14 14.32 4.07 4.22
CA ILE B 14 14.26 3.72 5.64
C ILE B 14 12.83 3.80 6.10
N TRP B 15 12.36 2.77 6.82
CA TRP B 15 10.98 2.69 7.31
C TRP B 15 10.99 2.18 8.75
N GLN B 16 9.83 2.29 9.41
CA GLN B 16 9.68 1.91 10.82
C GLN B 16 8.37 1.17 11.04
N LEU B 17 8.44 -0.13 11.24
CA LEU B 17 7.26 -0.95 11.39
C LEU B 17 7.05 -1.10 12.88
N ASP B 18 5.87 -0.72 13.37
CA ASP B 18 5.50 -0.85 14.80
C ASP B 18 4.00 -1.18 14.84
N CYS B 19 3.42 -1.38 16.02
CA CYS B 19 1.97 -1.66 16.17
C CYS B 19 1.39 -0.88 17.34
N THR B 20 0.23 -0.25 17.17
CA THR B 20 -0.46 0.53 18.21
C THR B 20 -1.88 -0.03 18.34
N HIS B 21 -2.35 -0.36 19.54
CA HIS B 21 -3.68 -1.02 19.72
C HIS B 21 -4.79 0.01 19.90
N LEU B 22 -6.01 -0.32 19.48
CA LEU B 22 -7.19 0.59 19.61
C LEU B 22 -8.48 -0.19 19.38
N GLU B 23 -9.52 0.07 20.18
CA GLU B 23 -10.82 -0.61 20.08
C GLU B 23 -10.61 -2.12 20.24
N GLY B 24 -9.58 -2.54 20.97
CA GLY B 24 -9.25 -3.96 21.09
C GLY B 24 -8.85 -4.51 19.74
N LYS B 25 -8.24 -3.68 18.89
CA LYS B 25 -7.76 -4.11 17.54
C LYS B 25 -6.27 -3.80 17.49
N VAL B 26 -5.53 -4.31 16.48
CA VAL B 26 -4.04 -4.21 16.43
C VAL B 26 -3.56 -2.97 15.67
N ILE B 27 -4.05 -2.74 14.46
CA ILE B 27 -3.62 -1.59 13.60
C ILE B 27 -2.09 -1.58 13.42
N ILE B 28 -1.57 -2.16 12.34
CA ILE B 28 -0.12 -2.11 12.01
C ILE B 28 0.15 -0.73 11.42
N VAL B 29 1.34 -0.16 11.63
CA VAL B 29 1.67 1.21 11.15
C VAL B 29 3.11 1.24 10.64
N ALA B 30 3.32 1.54 9.36
CA ALA B 30 4.67 1.67 8.75
C ALA B 30 4.87 3.14 8.42
N VAL B 31 6.00 3.73 8.79
CA VAL B 31 6.23 5.19 8.61
C VAL B 31 7.49 5.45 7.79
N HIS B 32 7.38 6.03 6.59
CA HIS B 32 8.58 6.48 5.84
C HIS B 32 9.15 7.59 6.71
N VAL B 33 10.35 7.41 7.26
CA VAL B 33 10.93 8.36 8.25
C VAL B 33 11.24 9.70 7.57
N ALA B 34 11.72 9.68 6.34
CA ALA B 34 12.13 10.92 5.63
C ALA B 34 10.94 11.81 5.32
N SER B 35 9.84 11.24 4.83
CA SER B 35 8.65 12.01 4.39
C SER B 35 7.56 12.01 5.47
N GLY B 36 7.60 11.08 6.41
CA GLY B 36 6.56 10.96 7.45
C GLY B 36 5.32 10.32 6.88
N TYR B 37 5.35 9.95 5.61
CA TYR B 37 4.22 9.27 4.94
C TYR B 37 3.93 8.00 5.75
N ILE B 38 2.65 7.66 5.94
CA ILE B 38 2.29 6.50 6.79
C ILE B 38 1.47 5.49 5.99
N GLU B 39 1.59 4.20 6.30
CA GLU B 39 0.75 3.15 5.68
C GLU B 39 0.24 2.35 6.87
N ALA B 40 -1.07 2.24 7.05
CA ALA B 40 -1.66 1.58 8.24
C ALA B 40 -2.80 0.67 7.81
N GLU B 41 -3.13 -0.32 8.63
CA GLU B 41 -4.24 -1.26 8.34
C GLU B 41 -4.57 -2.06 9.58
N VAL B 42 -5.85 -2.26 9.88
CA VAL B 42 -6.29 -3.09 11.04
C VAL B 42 -5.93 -4.54 10.70
N ILE B 43 -5.21 -5.23 11.58
CA ILE B 43 -4.79 -6.65 11.34
C ILE B 43 -5.45 -7.56 12.37
N PRO B 44 -5.77 -8.82 12.02
CA PRO B 44 -6.45 -9.72 12.94
C PRO B 44 -5.77 -9.76 14.31
N ALA B 45 -4.45 -9.96 14.33
CA ALA B 45 -3.65 -10.01 15.58
C ALA B 45 -2.18 -9.79 15.24
N GLU B 46 -1.35 -9.43 16.22
CA GLU B 46 0.08 -9.15 15.99
C GLU B 46 0.81 -10.49 15.77
N THR B 47 0.44 -11.25 14.74
CA THR B 47 1.11 -12.53 14.41
C THR B 47 2.23 -12.22 13.42
N GLY B 48 3.04 -13.22 13.06
CA GLY B 48 4.19 -13.03 12.15
C GLY B 48 3.75 -12.93 10.70
N GLN B 49 2.87 -13.83 10.26
CA GLN B 49 2.43 -13.89 8.84
C GLN B 49 1.75 -12.58 8.48
N GLU B 50 0.88 -12.07 9.34
CA GLU B 50 0.14 -10.80 9.09
C GLU B 50 1.16 -9.68 8.94
N THR B 51 2.12 -9.59 9.86
CA THR B 51 3.16 -8.54 9.84
C THR B 51 3.96 -8.68 8.54
N ALA B 52 4.25 -9.91 8.14
CA ALA B 52 5.06 -10.19 6.93
C ALA B 52 4.29 -9.81 5.68
N TYR B 53 3.02 -10.16 5.59
CA TYR B 53 2.16 -9.82 4.43
C TYR B 53 2.21 -8.30 4.27
N PHE B 54 2.01 -7.57 5.36
CA PHE B 54 2.04 -6.09 5.34
C PHE B 54 3.39 -5.64 4.80
N LEU B 55 4.47 -6.22 5.28
CA LEU B 55 5.85 -5.80 4.87
C LEU B 55 6.07 -6.16 3.41
N LEU B 56 5.61 -7.33 2.97
CA LEU B 56 5.78 -7.80 1.58
C LEU B 56 5.11 -6.80 0.65
N LYS B 57 3.90 -6.36 0.99
CA LYS B 57 3.12 -5.43 0.15
C LYS B 57 3.79 -4.06 0.13
N LEU B 58 4.17 -3.50 1.28
CA LEU B 58 4.75 -2.14 1.35
C LEU B 58 5.95 -2.10 0.42
N ALA B 59 6.78 -3.14 0.44
CA ALA B 59 8.00 -3.23 -0.38
C ALA B 59 7.64 -3.40 -1.85
N GLY B 60 6.54 -4.12 -2.13
CA GLY B 60 6.09 -4.34 -3.52
C GLY B 60 5.56 -3.07 -4.14
N ARG B 61 5.31 -2.03 -3.32
CA ARG B 61 4.78 -0.73 -3.82
C ARG B 61 5.88 0.31 -3.75
N TRP B 62 6.62 0.40 -2.64
CA TRP B 62 7.67 1.43 -2.45
C TRP B 62 9.06 0.78 -2.39
N PRO B 63 10.16 1.53 -2.63
CA PRO B 63 11.51 0.98 -2.51
C PRO B 63 11.90 0.83 -1.03
N VAL B 64 11.66 -0.34 -0.44
CA VAL B 64 11.96 -0.60 1.00
C VAL B 64 13.30 -1.31 1.10
N LYS B 65 14.28 -0.73 1.80
CA LYS B 65 15.64 -1.30 1.90
C LYS B 65 15.98 -1.61 3.36
N THR B 66 15.50 -0.80 4.31
CA THR B 66 15.69 -1.04 5.77
C THR B 66 14.35 -0.83 6.48
N VAL B 67 14.04 -1.63 7.50
CA VAL B 67 12.81 -1.47 8.32
C VAL B 67 13.20 -1.53 9.79
N HIS B 68 12.90 -0.50 10.58
CA HIS B 68 13.26 -0.44 12.01
C HIS B 68 12.10 -1.01 12.83
N THR B 69 12.25 -2.21 13.38
CA THR B 69 11.17 -2.92 14.10
C THR B 69 11.34 -2.76 15.61
N ASP B 70 10.61 -3.52 16.43
CA ASP B 70 10.59 -3.32 17.92
C ASP B 70 11.08 -4.53 18.72
N ASN B 71 11.54 -5.62 18.09
CA ASN B 71 12.13 -6.79 18.80
C ASN B 71 11.05 -7.75 19.29
N GLY B 72 9.78 -7.44 19.06
CA GLY B 72 8.67 -8.29 19.50
C GLY B 72 8.73 -9.67 18.87
N SER B 73 7.80 -10.54 19.21
CA SER B 73 7.72 -11.93 18.66
C SER B 73 7.34 -11.87 17.18
N ASN B 74 6.39 -11.01 16.81
CA ASN B 74 5.92 -10.89 15.41
C ASN B 74 7.08 -10.44 14.53
N VAL B 75 7.87 -9.48 15.01
CA VAL B 75 8.98 -8.89 14.22
C VAL B 75 10.09 -9.92 14.04
N THR B 76 10.30 -10.82 14.99
CA THR B 76 11.40 -11.82 14.94
C THR B 76 10.84 -13.10 14.33
N SER B 77 9.61 -13.09 13.83
CA SER B 77 8.94 -14.27 13.22
C SER B 77 9.76 -14.79 12.05
N THR B 78 9.73 -16.10 11.80
CA THR B 78 10.47 -16.72 10.67
C THR B 78 9.95 -16.12 9.37
N ALA B 79 8.64 -15.91 9.29
CA ALA B 79 7.99 -15.34 8.08
C ALA B 79 8.56 -13.95 7.79
N VAL B 80 8.65 -13.09 8.79
CA VAL B 80 9.14 -11.70 8.60
C VAL B 80 10.57 -11.79 8.08
N LYS B 81 11.35 -12.73 8.59
CA LYS B 81 12.76 -12.92 8.17
C LYS B 81 12.77 -13.33 6.70
N ALA B 82 11.96 -14.32 6.35
CA ALA B 82 11.87 -14.82 4.96
C ALA B 82 11.47 -13.67 4.05
N ALA B 83 10.51 -12.86 4.48
CA ALA B 83 10.01 -11.71 3.70
C ALA B 83 11.14 -10.72 3.50
N CYS B 84 11.83 -10.36 4.58
CA CYS B 84 12.93 -9.37 4.54
C CYS B 84 14.05 -9.90 3.64
N TRP B 85 14.22 -11.22 3.59
CA TRP B 85 15.25 -11.84 2.73
C TRP B 85 14.80 -11.82 1.27
N TRP B 86 13.59 -12.27 1.00
CA TRP B 86 13.07 -12.38 -0.38
C TRP B 86 12.99 -11.01 -1.04
N ALA B 87 12.74 -9.96 -0.26
CA ALA B 87 12.55 -8.59 -0.79
C ALA B 87 13.84 -7.79 -0.70
N GLY B 88 14.81 -8.25 0.10
CA GLY B 88 16.09 -7.56 0.27
C GLY B 88 15.98 -6.46 1.29
N ILE B 89 15.06 -6.61 2.25
CA ILE B 89 14.85 -5.61 3.33
C ILE B 89 15.80 -5.92 4.48
N LYS B 90 16.45 -4.91 5.04
CA LYS B 90 17.40 -5.08 6.17
C LYS B 90 16.67 -4.81 7.47
N GLN B 91 16.31 -5.84 8.22
CA GLN B 91 15.61 -5.69 9.52
C GLN B 91 16.60 -5.10 10.51
N GLU B 92 16.17 -4.15 11.34
CA GLU B 92 17.03 -3.49 12.35
C GLU B 92 16.19 -3.23 13.60
N PHE B 93 16.33 -4.06 14.63
CA PHE B 93 15.56 -3.92 15.89
C PHE B 93 16.18 -2.74 16.65
N SER B 94 16.05 -1.51 16.14
CA SER B 94 16.72 -0.31 16.72
C SER B 94 15.77 0.55 17.53
N ILE B 95 14.50 0.64 17.18
CA ILE B 95 13.57 1.56 17.87
C ILE B 95 13.59 1.30 19.38
N PRO B 96 13.71 0.05 19.87
CA PRO B 96 13.63 -0.21 21.31
C PRO B 96 14.85 0.33 22.06
N TYR B 97 15.95 0.62 21.35
CA TYR B 97 17.22 1.05 21.99
C TYR B 97 17.64 2.44 21.53
N ASN B 98 16.81 3.12 20.74
CA ASN B 98 17.11 4.49 20.25
C ASN B 98 15.95 5.41 20.65
N PRO B 99 16.11 6.34 21.62
CA PRO B 99 15.02 7.21 22.05
C PRO B 99 14.63 8.23 20.97
N GLN B 100 15.59 8.63 20.15
CA GLN B 100 15.35 9.60 19.05
C GLN B 100 14.41 8.97 18.02
N SER B 101 14.50 7.66 17.78
CA SER B 101 13.63 6.95 16.82
C SER B 101 12.34 6.57 17.54
N ARG B 102 12.40 6.39 18.85
CA ARG B 102 11.22 6.00 19.67
C ARG B 102 10.17 7.11 19.56
N GLY B 103 10.59 8.37 19.72
CA GLY B 103 9.67 9.51 19.68
C GLY B 103 8.94 9.58 18.35
N VAL B 104 9.62 9.21 17.26
CA VAL B 104 9.03 9.29 15.90
C VAL B 104 7.82 8.36 15.85
N VAL B 105 8.03 7.08 16.16
CA VAL B 105 6.95 6.07 16.09
C VAL B 105 5.86 6.51 17.06
N GLU B 106 6.24 7.07 18.21
CA GLU B 106 5.27 7.50 19.25
C GLU B 106 4.40 8.61 18.69
N SER B 107 5.00 9.69 18.17
CA SER B 107 4.26 10.87 17.66
C SER B 107 3.30 10.46 16.56
N MET B 108 3.79 9.72 15.56
CA MET B 108 2.94 9.35 14.40
C MET B 108 1.77 8.52 14.89
N ASN B 109 1.99 7.58 15.80
CA ASN B 109 0.92 6.67 16.27
C ASN B 109 -0.17 7.50 16.94
N LYS B 110 0.20 8.44 17.80
CA LYS B 110 -0.79 9.24 18.57
C LYS B 110 -1.57 10.16 17.63
N GLU B 111 -0.89 10.83 16.70
CA GLU B 111 -1.56 11.75 15.75
C GLU B 111 -2.48 10.93 14.86
N LEU B 112 -2.03 9.78 14.39
CA LEU B 112 -2.86 8.87 13.56
C LEU B 112 -4.06 8.47 14.41
N LYS B 113 -3.84 8.22 15.70
CA LYS B 113 -4.92 7.83 16.63
C LYS B 113 -5.92 8.99 16.69
N LYS B 114 -5.41 10.22 16.78
CA LYS B 114 -6.27 11.43 16.86
C LYS B 114 -7.17 11.47 15.63
N ILE B 115 -6.60 11.37 14.44
CA ILE B 115 -7.35 11.45 13.16
C ILE B 115 -8.36 10.31 13.11
N ILE B 116 -7.96 9.11 13.55
CA ILE B 116 -8.84 7.90 13.46
C ILE B 116 -10.11 8.19 14.26
N GLY B 117 -10.00 8.92 15.36
CA GLY B 117 -11.15 9.27 16.19
C GLY B 117 -12.00 10.34 15.53
N GLN B 118 -11.36 11.34 14.94
CA GLN B 118 -12.06 12.47 14.28
C GLN B 118 -13.03 11.95 13.22
N VAL B 119 -12.76 10.79 12.61
CA VAL B 119 -13.59 10.25 11.50
C VAL B 119 -14.25 8.92 11.91
N ARG B 120 -14.07 8.47 13.14
CA ARG B 120 -14.58 7.15 13.58
C ARG B 120 -16.10 7.10 13.41
N ASP B 121 -16.80 8.17 13.75
CA ASP B 121 -18.28 8.22 13.68
C ASP B 121 -18.73 8.21 12.22
N GLN B 122 -17.85 8.60 11.29
CA GLN B 122 -18.18 8.69 9.85
C GLN B 122 -18.13 7.30 9.22
N ALA B 123 -17.73 6.28 9.97
CA ALA B 123 -17.67 4.88 9.48
C ALA B 123 -18.00 3.92 10.60
N GLU B 124 -18.73 2.84 10.32
CA GLU B 124 -19.16 1.86 11.35
C GLU B 124 -17.97 1.02 11.76
N HIS B 125 -17.11 0.63 10.82
CA HIS B 125 -15.97 -0.28 11.11
C HIS B 125 -14.68 0.51 11.32
N LEU B 126 -13.76 0.00 12.14
CA LEU B 126 -12.46 0.66 12.40
C LEU B 126 -11.62 0.56 11.14
N LYS B 127 -11.69 -0.57 10.44
CA LYS B 127 -10.87 -0.80 9.23
C LYS B 127 -11.01 0.41 8.31
N THR B 128 -12.23 0.79 7.95
CA THR B 128 -12.47 1.92 7.01
C THR B 128 -12.01 3.22 7.65
N ALA B 129 -12.21 3.37 8.96
CA ALA B 129 -11.87 4.62 9.68
C ALA B 129 -10.38 4.89 9.57
N VAL B 130 -9.55 3.85 9.63
CA VAL B 130 -8.06 4.03 9.61
C VAL B 130 -7.63 4.44 8.21
N GLN B 131 -8.24 3.87 7.17
CA GLN B 131 -7.86 4.19 5.78
C GLN B 131 -8.27 5.63 5.51
N MET B 132 -9.38 6.09 6.09
CA MET B 132 -9.84 7.49 5.96
C MET B 132 -8.84 8.37 6.70
N ALA B 133 -8.34 7.90 7.83
CA ALA B 133 -7.37 8.65 8.66
C ALA B 133 -6.03 8.70 7.91
N VAL B 134 -5.65 7.62 7.23
CA VAL B 134 -4.37 7.55 6.49
C VAL B 134 -4.45 8.58 5.37
N PHE B 135 -5.54 8.60 4.61
CA PHE B 135 -5.77 9.54 3.53
C PHE B 135 -5.55 10.96 4.04
N ILE B 136 -6.21 11.30 5.15
CA ILE B 136 -6.13 12.64 5.73
C ILE B 136 -4.68 12.96 6.02
N HIS B 137 -4.00 12.04 6.68
CA HIS B 137 -2.64 12.32 7.09
C HIS B 137 -1.74 12.52 5.88
N ASN B 138 -1.83 11.64 4.89
CA ASN B 138 -0.86 11.67 3.82
C ASN B 138 -1.08 12.81 2.85
N HIS B 139 -2.34 13.15 2.57
CA HIS B 139 -2.62 14.14 1.54
C HIS B 139 -2.90 15.51 2.11
N LYS B 140 -2.70 15.68 3.42
CA LYS B 140 -2.86 16.95 4.11
C LYS B 140 -1.50 17.47 4.58
N ARG B 141 -1.40 18.81 4.67
CA ARG B 141 -0.21 19.51 5.14
C ARG B 141 -0.59 20.70 6.01
N GLY B 147 4.86 24.54 2.47
CA GLY B 147 5.33 23.18 2.25
C GLY B 147 4.30 22.29 1.58
N TYR B 148 4.58 20.98 1.49
CA TYR B 148 3.75 19.95 0.85
C TYR B 148 3.26 18.90 1.87
N SER B 149 2.45 17.95 1.39
CA SER B 149 1.92 16.86 2.20
C SER B 149 2.90 15.68 2.24
N ALA B 150 2.62 14.72 3.13
CA ALA B 150 3.52 13.58 3.24
C ALA B 150 3.65 12.83 1.90
N GLY B 151 2.53 12.47 1.28
CA GLY B 151 2.57 11.79 -0.02
C GLY B 151 3.31 12.55 -1.09
N GLU B 152 3.40 13.86 -0.95
CA GLU B 152 4.21 14.63 -1.89
C GLU B 152 5.68 14.52 -1.56
N ARG B 153 6.04 14.49 -0.27
CA ARG B 153 7.45 14.49 0.14
C ARG B 153 8.16 13.19 -0.30
N ILE B 154 7.49 12.05 -0.10
CA ILE B 154 8.06 10.75 -0.44
C ILE B 154 8.34 10.63 -1.94
N VAL B 155 7.38 11.02 -2.81
CA VAL B 155 7.67 10.96 -4.25
C VAL B 155 8.83 11.87 -4.60
N ASP B 156 8.93 13.05 -3.96
CA ASP B 156 10.10 13.92 -4.20
C ASP B 156 11.38 13.24 -3.73
N ILE B 157 11.35 12.76 -2.50
CA ILE B 157 12.53 12.10 -1.95
C ILE B 157 13.02 11.04 -2.93
N ILE B 158 12.11 10.13 -3.31
CA ILE B 158 12.49 9.02 -4.16
C ILE B 158 12.98 9.51 -5.52
N ALA B 159 12.18 10.32 -6.21
CA ALA B 159 12.54 10.75 -7.55
C ALA B 159 13.84 11.53 -7.55
N THR B 160 14.09 12.32 -6.51
CA THR B 160 15.36 13.03 -6.39
C THR B 160 16.53 12.04 -6.31
N ASP B 161 16.38 10.99 -5.49
CA ASP B 161 17.45 10.00 -5.38
C ASP B 161 17.72 9.31 -6.73
N LEU B 162 16.68 9.18 -7.57
CA LEU B 162 16.76 8.48 -8.86
C LEU B 162 17.72 9.14 -9.86
N GLN B 163 18.12 10.38 -9.64
CA GLN B 163 19.25 10.95 -10.40
C GLN B 163 20.50 10.01 -10.40
C06 7OA C . 3.18 -15.15 4.79
C07 7OA C . 4.53 -15.49 4.92
C08 7OA C . 5.51 -14.60 4.52
C1 7OA C . 8.14 -24.88 -1.16
C10 7OA C . 8.28 -15.71 -0.90
C11 7OA C . 9.38 -17.01 2.17
C12 7OA C . 9.02 -20.63 5.65
C13 7OA C . 9.88 -19.64 4.85
C14 7OA C . 11.19 -19.38 5.62
C15 7OA C . 10.21 -20.28 3.48
C16 7OA C . 6.99 -19.78 4.24
C17 7OA C . 6.32 -18.85 5.26
C19 7OA C . 5.81 -17.61 4.54
C2 7OA C . 6.77 -23.66 0.43
C21 7OA C . 5.61 -17.85 2.02
C29 7OA C . 8.33 -27.86 -3.01
C3 7OA C . 5.76 -22.94 1.05
C32 7OA C . 4.89 -16.86 5.52
C33 7OA C . 2.83 -13.92 4.26
C34 7OA C . 5.15 -13.37 3.99
C35 7OA C . 3.82 -13.02 3.87
C36 7OA C . 9.05 -27.66 -1.67
C39 7OA C . 7.93 -24.06 1.16
C4 7OA C . 5.90 -22.59 2.41
C49 7OA C . 7.52 -17.36 0.63
C5 7OA C . 7.04 -23.00 3.12
C59 7OA C . 8.93 -17.16 0.79
C6 7OA C . 8.06 -23.73 2.50
C69 7OA C . 9.20 -15.83 0.19
C7 7OA C . 8.90 -14.88 1.25
C79 7OA C . 9.13 -26.58 -2.75
C8 7OA C . 6.27 -15.35 0.03
C9 7OA C . 7.11 -16.35 -0.49
F1 7OA C . 1.52 -13.59 4.14
F2 7OA C . 6.12 -12.49 3.60
N1 7OA C . 6.91 -24.18 -1.06
N11 7OA C . 7.72 -20.86 4.97
N2 7OA C . 8.33 -25.38 -2.53
N20 7OA C . 5.04 -17.99 3.37
O1 7OA C . 7.25 -14.49 1.37
O10 7OA C . 7.81 -23.41 5.71
O18 7OA C . 7.24 -18.45 6.23
O2 7OA C . 9.30 -15.53 2.45
O22 7OA C . 5.08 -18.37 1.10
O23 7OA C . 6.80 -17.07 1.84
O9 7OA C . 5.74 -22.55 5.47
S1 7OA C . 8.83 -24.84 0.20
S8 7OA C . 7.07 -22.48 4.88
H1 7OA C . 2.41 -15.85 5.11
H2 7OA C . 6.55 -14.87 4.63
H3 7OA C . 8.69 -16.19 -1.79
H4 7OA C . 8.08 -14.65 -1.10
H5 7OA C . 8.76 -17.56 2.86
H6 7OA C . 10.41 -17.35 2.24
H7 7OA C . 8.85 -20.22 6.65
H8 7OA C . 9.56 -21.58 5.74
H9 7OA C . 9.37 -18.71 4.71
H10 7OA C . 11.65 -20.34 5.88
H11 7OA C . 11.87 -18.80 5.00
H12 7OA C . 10.97 -18.83 6.53
H13 7OA C . 9.35 -20.18 2.82
H14 7OA C . 10.45 -21.33 3.61
H15 7OA C . 11.07 -19.76 3.05
H16 7OA C . 6.23 -20.23 3.61
H17 7OA C . 7.67 -19.21 3.62
H18 7OA C . 5.49 -19.36 5.74
H19 7OA C . 6.65 -16.98 4.25
H20 7OA C . 7.25 -27.75 -2.98
H21 7OA C . 8.80 -28.58 -3.68
H22 7OA C . 4.88 -22.63 0.50
H23 7OA C . 5.42 -16.73 6.46
H24 7OA C . 3.99 -17.44 5.69
H25 7OA C . 3.55 -12.06 3.45
H26 7OA C . 9.94 -28.24 -1.52
H27 7OA C . 8.39 -27.43 -0.82
H28 7OA C . 5.10 -22.03 2.90
H29 7OA C . 7.33 -18.38 0.31
H30 7OA C . 9.50 -17.95 0.28
H31 7OA C . 8.94 -24.03 3.05
H32 7OA C . 10.24 -15.74 -0.14
H33 7OA C . 9.49 -13.97 1.11
H34 7OA C . 10.09 -26.50 -3.26
H35 7OA C . 5.36 -15.77 0.43
H36 7OA C . 6.03 -14.63 -0.76
H38 7OA C . 6.64 -16.88 -1.32
H39 7OA C . 7.89 -24.91 -3.30
H40 7OA C . 4.06 -18.24 3.47
H42 7OA C . 7.79 -17.77 5.87
S SO4 D . 3.01 -17.13 13.02
O1 SO4 D . 1.74 -17.36 12.34
O2 SO4 D . 3.40 -18.52 12.84
O3 SO4 D . 3.66 -16.28 12.04
O4 SO4 D . 3.08 -16.18 14.11
#